data_7TUQ
#
_entry.id   7TUQ
#
_cell.length_a   78.463
_cell.length_b   91.392
_cell.length_c   100.268
_cell.angle_alpha   90.000
_cell.angle_beta   90.000
_cell.angle_gamma   90.000
#
_symmetry.space_group_name_H-M   'C 2 2 21'
#
loop_
_entity.id
_entity.type
_entity.pdbx_description
1 polymer 'Bromodomain-containing protein 4'
2 polymer 'Envelope small membrane protein'
3 water water
#
loop_
_entity_poly.entity_id
_entity_poly.type
_entity_poly.pdbx_seq_one_letter_code
_entity_poly.pdbx_strand_id
1 'polypeptide(L)'
;GSTNPPPPETSNPNKPKRQTNQLQYLLRVVLKTLWKHQFAWPFQQPVDAVKLNLPDYYKIIKTPMDMGTIKKRLENNYYW
NAQECIQDFNTMFTNCYIYNKPGDDIVLMAEALEKLFLQKINELPTEETEIMIVQAKGRG
;
A,B
2 'polypeptide(L)' SRV(ALY)NLNSS C
#
# COMPACT_ATOMS: atom_id res chain seq x y z
N SER A 2 15.85 -6.45 -26.40
CA SER A 2 15.07 -6.29 -25.17
C SER A 2 15.86 -5.53 -24.11
N THR A 3 15.54 -4.24 -23.97
CA THR A 3 16.25 -3.39 -23.02
C THR A 3 15.30 -2.35 -22.46
N ASN A 4 15.28 -2.24 -21.13
CA ASN A 4 14.57 -1.14 -20.50
C ASN A 4 15.45 0.11 -20.47
N PRO A 5 14.85 1.29 -20.59
CA PRO A 5 15.64 2.53 -20.54
C PRO A 5 16.32 2.68 -19.19
N PRO A 6 17.35 3.54 -19.10
CA PRO A 6 18.00 3.74 -17.81
C PRO A 6 17.01 4.28 -16.79
N PRO A 7 17.16 3.89 -15.53
CA PRO A 7 16.27 4.40 -14.48
C PRO A 7 16.40 5.91 -14.34
N PRO A 8 15.41 6.56 -13.73
CA PRO A 8 15.51 8.02 -13.55
C PRO A 8 16.74 8.40 -12.75
N GLU A 9 17.19 9.64 -12.97
CA GLU A 9 18.38 10.13 -12.28
C GLU A 9 18.13 10.17 -10.77
N THR A 10 19.17 9.82 -10.01
CA THR A 10 19.11 9.87 -8.56
C THR A 10 20.09 10.86 -7.95
N SER A 11 20.85 11.58 -8.78
CA SER A 11 21.74 12.62 -8.31
C SER A 11 21.99 13.58 -9.46
N ASN A 12 21.99 14.88 -9.15
CA ASN A 12 22.18 15.90 -10.18
C ASN A 12 22.90 17.11 -9.60
N PRO A 13 24.06 17.49 -10.15
CA PRO A 13 24.74 18.69 -9.65
C PRO A 13 24.00 19.98 -9.97
N ASN A 14 23.45 20.10 -11.18
CA ASN A 14 22.80 21.34 -11.62
C ASN A 14 21.32 21.29 -11.23
N LYS A 15 21.07 21.41 -9.91
CA LYS A 15 19.71 21.38 -9.40
C LYS A 15 19.66 22.05 -8.04
N PRO A 16 18.58 22.78 -7.72
CA PRO A 16 18.44 23.31 -6.36
C PRO A 16 18.19 22.19 -5.36
N LYS A 17 18.96 22.19 -4.27
CA LYS A 17 18.93 21.10 -3.31
C LYS A 17 18.92 21.67 -1.90
N ARG A 18 17.81 21.50 -1.19
CA ARG A 18 17.71 21.82 0.23
C ARG A 18 17.57 20.52 1.03
N GLN A 19 17.96 20.58 2.30
CA GLN A 19 17.77 19.48 3.24
C GLN A 19 16.88 20.01 4.37
N THR A 20 15.61 19.62 4.35
CA THR A 20 14.62 20.11 5.29
C THR A 20 14.17 18.99 6.21
N ASN A 21 13.38 19.37 7.22
CA ASN A 21 12.82 18.38 8.13
C ASN A 21 11.66 17.62 7.50
N GLN A 22 10.96 18.24 6.55
CA GLN A 22 9.86 17.55 5.90
C GLN A 22 10.36 16.47 4.95
N LEU A 23 11.42 16.76 4.18
CA LEU A 23 12.04 15.74 3.35
C LEU A 23 12.60 14.62 4.20
N GLN A 24 13.19 14.97 5.35
CA GLN A 24 13.65 13.95 6.28
C GLN A 24 12.48 13.13 6.81
N TYR A 25 11.34 13.77 7.06
CA TYR A 25 10.15 13.05 7.51
C TYR A 25 9.60 12.16 6.41
N LEU A 26 9.62 12.65 5.16
CA LEU A 26 9.14 11.83 4.05
C LEU A 26 9.96 10.55 3.90
N LEU A 27 11.22 10.57 4.33
CA LEU A 27 12.05 9.39 4.19
C LEU A 27 11.90 8.47 5.40
N ARG A 28 11.97 9.02 6.61
CA ARG A 28 11.96 8.20 7.81
C ARG A 28 10.60 7.59 8.07
N VAL A 29 9.51 8.31 7.80
CA VAL A 29 8.18 7.94 8.24
C VAL A 29 7.29 7.55 7.06
N VAL A 30 7.16 8.44 6.07
CA VAL A 30 6.20 8.22 4.99
C VAL A 30 6.68 7.10 4.07
N LEU A 31 7.89 7.23 3.54
CA LEU A 31 8.39 6.23 2.60
C LEU A 31 8.65 4.89 3.28
N LYS A 32 9.17 4.92 4.52
CA LYS A 32 9.42 3.68 5.24
C LYS A 32 8.12 2.93 5.53
N THR A 33 7.03 3.65 5.77
CA THR A 33 5.74 3.00 5.97
C THR A 33 5.29 2.30 4.70
N LEU A 34 5.28 3.03 3.58
CA LEU A 34 4.86 2.44 2.30
C LEU A 34 5.79 1.30 1.90
N TRP A 35 7.08 1.44 2.20
CA TRP A 35 8.06 0.42 1.81
C TRP A 35 7.77 -0.91 2.50
N LYS A 36 7.34 -0.87 3.75
CA LYS A 36 7.06 -2.09 4.51
C LYS A 36 5.62 -2.57 4.36
N HIS A 37 4.83 -1.94 3.48
CA HIS A 37 3.49 -2.41 3.18
C HIS A 37 3.55 -3.62 2.26
N GLN A 38 2.51 -4.46 2.35
CA GLN A 38 2.50 -5.69 1.57
C GLN A 38 2.46 -5.42 0.07
N PHE A 39 1.88 -4.31 -0.35
CA PHE A 39 1.73 -3.98 -1.77
C PHE A 39 2.93 -3.23 -2.32
N ALA A 40 4.03 -3.12 -1.56
CA ALA A 40 5.14 -2.26 -1.97
C ALA A 40 5.96 -2.89 -3.09
N TRP A 41 5.97 -4.21 -3.18
CA TRP A 41 6.97 -4.87 -4.01
C TRP A 41 6.92 -4.54 -5.51
N PRO A 42 5.77 -4.23 -6.14
CA PRO A 42 5.82 -3.82 -7.54
C PRO A 42 6.30 -2.39 -7.74
N PHE A 43 6.48 -1.61 -6.67
CA PHE A 43 6.84 -0.21 -6.78
C PHE A 43 8.20 0.12 -6.19
N GLN A 44 8.89 -0.85 -5.59
CA GLN A 44 10.19 -0.60 -4.99
C GLN A 44 11.32 -0.50 -6.02
N GLN A 45 11.07 -0.89 -7.26
CA GLN A 45 12.06 -0.87 -8.33
C GLN A 45 11.41 -0.28 -9.57
N PRO A 46 12.23 0.16 -10.54
CA PRO A 46 11.67 0.54 -11.83
C PRO A 46 10.91 -0.62 -12.46
N VAL A 47 9.89 -0.30 -13.24
CA VAL A 47 9.12 -1.32 -13.92
C VAL A 47 10.03 -2.09 -14.87
N ASP A 48 10.05 -3.41 -14.72
CA ASP A 48 10.83 -4.27 -15.61
C ASP A 48 9.89 -4.73 -16.72
N ALA A 49 9.81 -3.92 -17.77
CA ALA A 49 8.92 -4.24 -18.89
C ALA A 49 9.36 -5.47 -19.66
N VAL A 50 10.63 -5.86 -19.54
CA VAL A 50 11.13 -7.02 -20.26
C VAL A 50 10.62 -8.31 -19.62
N LYS A 51 10.76 -8.44 -18.30
CA LYS A 51 10.31 -9.65 -17.63
C LYS A 51 8.79 -9.75 -17.63
N LEU A 52 8.09 -8.62 -17.47
CA LEU A 52 6.64 -8.62 -17.44
C LEU A 52 6.00 -8.65 -18.83
N ASN A 53 6.80 -8.55 -19.89
CA ASN A 53 6.30 -8.57 -21.26
C ASN A 53 5.32 -7.42 -21.52
N LEU A 54 5.77 -6.21 -21.21
CA LEU A 54 5.00 -4.99 -21.41
C LEU A 54 5.82 -4.03 -22.27
N PRO A 55 6.01 -4.35 -23.56
CA PRO A 55 6.87 -3.49 -24.40
C PRO A 55 6.33 -2.09 -24.60
N ASP A 56 5.08 -1.81 -24.24
CA ASP A 56 4.49 -0.50 -24.44
C ASP A 56 4.63 0.42 -23.23
N TYR A 57 5.20 -0.06 -22.12
CA TYR A 57 5.14 0.72 -20.88
C TYR A 57 5.96 2.00 -20.98
N TYR A 58 7.28 1.87 -21.09
CA TYR A 58 8.17 3.05 -21.21
C TYR A 58 8.00 3.82 -22.49
N LYS A 59 7.01 3.41 -23.25
CA LYS A 59 6.55 4.03 -24.49
C LYS A 59 5.22 4.76 -24.34
N ILE A 60 4.36 4.28 -23.45
CA ILE A 60 3.16 5.02 -23.06
C ILE A 60 3.48 5.96 -21.90
N ILE A 61 4.26 5.50 -20.94
CA ILE A 61 4.64 6.29 -19.77
C ILE A 61 5.92 7.04 -20.10
N LYS A 62 5.84 8.37 -20.10
CA LYS A 62 6.99 9.20 -20.48
C LYS A 62 7.79 9.72 -19.29
N THR A 63 7.27 9.57 -18.07
CA THR A 63 8.00 9.95 -16.86
C THR A 63 7.80 8.86 -15.82
N PRO A 64 8.54 7.76 -15.93
CA PRO A 64 8.39 6.68 -14.96
C PRO A 64 8.96 7.06 -13.61
N MET A 65 8.47 6.38 -12.58
CA MET A 65 8.87 6.68 -11.21
C MET A 65 8.58 5.48 -10.33
N ASP A 66 9.44 5.26 -9.33
CA ASP A 66 9.29 4.16 -8.40
C ASP A 66 9.80 4.58 -7.03
N MET A 67 9.41 3.83 -6.00
CA MET A 67 9.82 4.15 -4.64
C MET A 67 11.31 3.97 -4.44
N GLY A 68 11.95 3.10 -5.23
CA GLY A 68 13.39 2.95 -5.14
C GLY A 68 14.12 4.21 -5.59
N THR A 69 13.61 4.85 -6.65
CA THR A 69 14.20 6.10 -7.10
C THR A 69 13.98 7.21 -6.07
N ILE A 70 12.75 7.31 -5.55
CA ILE A 70 12.45 8.28 -4.49
C ILE A 70 13.40 8.08 -3.31
N LYS A 71 13.62 6.82 -2.94
CA LYS A 71 14.45 6.53 -1.77
C LYS A 71 15.89 6.99 -1.99
N LYS A 72 16.48 6.63 -3.12
CA LYS A 72 17.85 7.05 -3.42
C LYS A 72 17.95 8.56 -3.57
N ARG A 73 16.91 9.19 -4.09
CA ARG A 73 16.91 10.65 -4.19
C ARG A 73 16.88 11.30 -2.81
N LEU A 74 16.08 10.74 -1.89
CA LEU A 74 16.05 11.27 -0.53
C LEU A 74 17.39 11.06 0.17
N GLU A 75 18.00 9.89 -0.02
CA GLU A 75 19.30 9.62 0.59
C GLU A 75 20.42 10.44 -0.03
N ASN A 76 20.20 11.02 -1.21
CA ASN A 76 21.17 11.88 -1.86
C ASN A 76 20.88 13.36 -1.67
N ASN A 77 19.86 13.70 -0.89
CA ASN A 77 19.41 15.09 -0.74
C ASN A 77 19.15 15.72 -2.10
N TYR A 78 18.49 14.95 -2.96
CA TYR A 78 18.21 15.34 -4.33
C TYR A 78 17.15 16.43 -4.44
N TYR A 79 16.11 16.36 -3.61
CA TYR A 79 14.95 17.22 -3.79
C TYR A 79 15.21 18.62 -3.27
N TRP A 80 14.51 19.59 -3.87
CA TRP A 80 14.60 20.98 -3.43
C TRP A 80 13.73 21.23 -2.20
N ASN A 81 12.58 20.58 -2.12
CA ASN A 81 11.72 20.67 -0.95
C ASN A 81 10.78 19.46 -0.96
N ALA A 82 9.93 19.39 0.07
CA ALA A 82 9.04 18.24 0.20
C ALA A 82 8.05 18.15 -0.95
N GLN A 83 7.71 19.28 -1.58
CA GLN A 83 6.72 19.25 -2.65
C GLN A 83 7.26 18.59 -3.91
N GLU A 84 8.57 18.71 -4.17
CA GLU A 84 9.13 18.04 -5.34
C GLU A 84 9.16 16.54 -5.15
N CYS A 85 9.41 16.07 -3.92
CA CYS A 85 9.33 14.65 -3.63
C CYS A 85 7.89 14.14 -3.69
N ILE A 86 6.95 14.95 -3.20
CA ILE A 86 5.54 14.57 -3.26
C ILE A 86 5.10 14.38 -4.71
N GLN A 87 5.58 15.25 -5.60
CA GLN A 87 5.24 15.12 -7.01
C GLN A 87 5.69 13.77 -7.56
N ASP A 88 6.83 13.26 -7.09
CA ASP A 88 7.30 11.95 -7.53
C ASP A 88 6.37 10.84 -7.05
N PHE A 89 5.91 10.93 -5.80
CA PHE A 89 4.91 9.97 -5.33
C PHE A 89 3.65 10.05 -6.18
N ASN A 90 3.14 11.26 -6.40
CA ASN A 90 1.95 11.43 -7.23
C ASN A 90 2.18 10.88 -8.63
N THR A 91 3.35 11.15 -9.21
CA THR A 91 3.64 10.68 -10.56
C THR A 91 3.68 9.16 -10.62
N MET A 92 4.24 8.52 -9.59
CA MET A 92 4.31 7.06 -9.56
C MET A 92 2.91 6.45 -9.54
N PHE A 93 2.07 6.90 -8.61
CA PHE A 93 0.71 6.39 -8.54
C PHE A 93 -0.07 6.67 -9.82
N THR A 94 0.08 7.87 -10.37
CA THR A 94 -0.69 8.24 -11.55
C THR A 94 -0.25 7.44 -12.77
N ASN A 95 1.05 7.17 -12.90
CA ASN A 95 1.53 6.31 -13.97
C ASN A 95 0.86 4.95 -13.93
N CYS A 96 0.67 4.41 -12.71
CA CYS A 96 0.00 3.12 -12.57
C CYS A 96 -1.44 3.21 -13.05
N TYR A 97 -2.14 4.30 -12.72
CA TYR A 97 -3.53 4.44 -13.14
C TYR A 97 -3.62 4.71 -14.64
N ILE A 98 -2.62 5.37 -15.22
CA ILE A 98 -2.64 5.64 -16.65
C ILE A 98 -2.47 4.35 -17.44
N TYR A 99 -1.40 3.60 -17.17
CA TYR A 99 -1.07 2.44 -17.99
C TYR A 99 -2.08 1.31 -17.81
N ASN A 100 -2.57 1.11 -16.59
CA ASN A 100 -3.42 -0.02 -16.27
C ASN A 100 -4.88 0.39 -16.23
N LYS A 101 -5.76 -0.62 -16.28
CA LYS A 101 -7.21 -0.43 -16.28
C LYS A 101 -7.76 -0.36 -14.85
N PRO A 102 -8.89 0.32 -14.67
CA PRO A 102 -9.55 0.27 -13.35
C PRO A 102 -9.96 -1.15 -13.00
N GLY A 103 -9.77 -1.53 -11.74
CA GLY A 103 -10.06 -2.85 -11.28
C GLY A 103 -8.93 -3.85 -11.41
N ASP A 104 -7.85 -3.48 -12.11
CA ASP A 104 -6.69 -4.35 -12.19
C ASP A 104 -6.02 -4.48 -10.83
N ASP A 105 -5.36 -5.62 -10.61
CA ASP A 105 -4.75 -5.88 -9.31
C ASP A 105 -3.76 -4.78 -8.93
N ILE A 106 -2.94 -4.35 -9.89
CA ILE A 106 -1.92 -3.35 -9.59
C ILE A 106 -2.56 -2.00 -9.31
N VAL A 107 -3.74 -1.73 -9.89
CA VAL A 107 -4.42 -0.47 -9.62
C VAL A 107 -4.98 -0.46 -8.20
N LEU A 108 -5.59 -1.57 -7.79
CA LEU A 108 -6.11 -1.67 -6.42
C LEU A 108 -4.99 -1.58 -5.40
N MET A 109 -3.84 -2.18 -5.70
CA MET A 109 -2.69 -2.06 -4.80
C MET A 109 -2.19 -0.63 -4.73
N ALA A 110 -2.11 0.05 -5.88
CA ALA A 110 -1.62 1.43 -5.90
C ALA A 110 -2.59 2.37 -5.20
N GLU A 111 -3.89 2.11 -5.28
CA GLU A 111 -4.87 2.95 -4.60
C GLU A 111 -4.79 2.79 -3.08
N ALA A 112 -4.50 1.58 -2.60
CA ALA A 112 -4.34 1.39 -1.16
C ALA A 112 -3.08 2.08 -0.66
N LEU A 113 -1.98 1.96 -1.41
CA LEU A 113 -0.76 2.66 -1.03
C LEU A 113 -0.93 4.16 -1.11
N GLU A 114 -1.71 4.64 -2.07
CA GLU A 114 -1.92 6.08 -2.22
C GLU A 114 -2.70 6.64 -1.04
N LYS A 115 -3.71 5.93 -0.57
CA LYS A 115 -4.48 6.41 0.57
C LYS A 115 -3.60 6.47 1.82
N LEU A 116 -2.77 5.45 2.04
CA LEU A 116 -1.85 5.48 3.17
C LEU A 116 -0.85 6.63 3.03
N PHE A 117 -0.38 6.87 1.80
CA PHE A 117 0.55 7.97 1.56
C PHE A 117 -0.09 9.30 1.93
N LEU A 118 -1.34 9.53 1.50
CA LEU A 118 -2.00 10.79 1.78
C LEU A 118 -2.27 10.95 3.27
N GLN A 119 -2.57 9.86 3.97
CA GLN A 119 -2.80 9.95 5.41
C GLN A 119 -1.52 10.26 6.16
N LYS A 120 -0.37 9.76 5.68
CA LYS A 120 0.89 10.02 6.37
C LYS A 120 1.34 11.47 6.14
N ILE A 121 1.41 11.90 4.89
CA ILE A 121 1.88 13.26 4.59
C ILE A 121 0.91 14.32 5.07
N ASN A 122 -0.30 13.94 5.51
CA ASN A 122 -1.19 14.91 6.11
C ASN A 122 -0.70 15.36 7.47
N GLU A 123 0.06 14.50 8.16
CA GLU A 123 0.68 14.87 9.44
C GLU A 123 2.13 15.29 9.18
N LEU A 124 2.25 16.47 8.58
CA LEU A 124 3.50 17.03 8.10
C LEU A 124 3.76 18.38 8.78
N PRO A 125 5.01 18.65 9.20
CA PRO A 125 5.35 19.91 9.86
C PRO A 125 5.11 21.12 8.95
N GLN B 19 0.52 4.75 22.25
CA GLN B 19 -0.69 4.31 22.94
C GLN B 19 -1.03 2.87 22.62
N THR B 20 -0.73 1.97 23.55
CA THR B 20 -1.26 0.61 23.45
C THR B 20 -2.73 0.55 23.82
N ASN B 21 -3.32 1.67 24.23
CA ASN B 21 -4.75 1.71 24.52
C ASN B 21 -5.59 1.82 23.25
N GLN B 22 -5.03 2.42 22.19
CA GLN B 22 -5.69 2.37 20.89
C GLN B 22 -5.84 0.93 20.41
N LEU B 23 -4.85 0.07 20.71
CA LEU B 23 -4.95 -1.33 20.31
C LEU B 23 -6.03 -2.06 21.08
N GLN B 24 -6.27 -1.67 22.34
CA GLN B 24 -7.45 -2.10 23.07
C GLN B 24 -8.71 -1.82 22.27
N TYR B 25 -8.84 -0.58 21.79
CA TYR B 25 -10.05 -0.15 21.10
C TYR B 25 -10.26 -0.92 19.80
N LEU B 26 -9.17 -1.20 19.08
CA LEU B 26 -9.28 -1.98 17.85
C LEU B 26 -9.75 -3.39 18.14
N LEU B 27 -9.35 -3.96 19.28
CA LEU B 27 -9.73 -5.32 19.61
C LEU B 27 -11.13 -5.37 20.21
N ARG B 28 -11.39 -4.58 21.25
CA ARG B 28 -12.63 -4.72 22.00
C ARG B 28 -13.80 -3.97 21.37
N VAL B 29 -13.55 -3.02 20.49
CA VAL B 29 -14.61 -2.24 19.84
C VAL B 29 -14.67 -2.52 18.35
N VAL B 30 -13.58 -2.18 17.63
CA VAL B 30 -13.61 -2.27 16.17
C VAL B 30 -13.75 -3.72 15.73
N LEU B 31 -12.86 -4.58 16.21
CA LEU B 31 -12.90 -5.99 15.81
C LEU B 31 -14.17 -6.67 16.30
N LYS B 32 -14.66 -6.30 17.49
CA LYS B 32 -15.86 -6.93 18.02
C LYS B 32 -17.09 -6.52 17.23
N THR B 33 -17.19 -5.23 16.86
CA THR B 33 -18.33 -4.78 16.07
C THR B 33 -18.34 -5.42 14.69
N LEU B 34 -17.17 -5.50 14.05
CA LEU B 34 -17.10 -6.13 12.73
C LEU B 34 -17.33 -7.63 12.82
N TRP B 35 -16.78 -8.29 13.84
CA TRP B 35 -16.93 -9.73 13.98
C TRP B 35 -18.39 -10.13 14.13
N LYS B 36 -19.21 -9.29 14.75
CA LYS B 36 -20.62 -9.56 14.97
C LYS B 36 -21.49 -9.12 13.80
N HIS B 37 -20.90 -8.80 12.65
CA HIS B 37 -21.68 -8.32 11.52
C HIS B 37 -22.17 -9.49 10.68
N GLN B 38 -23.27 -9.26 9.97
CA GLN B 38 -23.88 -10.29 9.14
C GLN B 38 -22.90 -10.85 8.12
N PHE B 39 -22.11 -9.97 7.51
CA PHE B 39 -21.20 -10.35 6.43
C PHE B 39 -19.81 -10.73 6.94
N ALA B 40 -19.62 -10.89 8.25
CA ALA B 40 -18.28 -11.04 8.80
C ALA B 40 -17.69 -12.42 8.57
N TRP B 41 -18.53 -13.44 8.54
CA TRP B 41 -18.05 -14.83 8.63
C TRP B 41 -17.08 -15.24 7.52
N PRO B 42 -17.17 -14.77 6.26
CA PRO B 42 -16.17 -15.20 5.28
C PRO B 42 -14.77 -14.66 5.54
N PHE B 43 -14.63 -13.71 6.46
CA PHE B 43 -13.33 -13.14 6.80
C PHE B 43 -12.86 -13.53 8.19
N GLN B 44 -13.60 -14.39 8.88
CA GLN B 44 -13.22 -14.87 10.20
C GLN B 44 -12.22 -16.02 10.17
N GLN B 45 -12.22 -16.81 9.10
CA GLN B 45 -11.32 -17.94 8.95
C GLN B 45 -10.47 -17.78 7.70
N PRO B 46 -9.26 -18.33 7.68
CA PRO B 46 -8.43 -18.27 6.47
C PRO B 46 -9.17 -18.90 5.29
N VAL B 47 -8.87 -18.38 4.10
CA VAL B 47 -9.56 -18.80 2.88
C VAL B 47 -8.84 -20.00 2.27
N ASP B 48 -9.63 -20.95 1.78
CA ASP B 48 -9.10 -22.24 1.34
C ASP B 48 -8.25 -22.13 0.08
N ALA B 49 -8.89 -21.92 -1.07
CA ALA B 49 -8.21 -22.04 -2.36
C ALA B 49 -7.59 -20.74 -2.85
N VAL B 50 -7.84 -19.61 -2.20
CA VAL B 50 -7.32 -18.33 -2.66
C VAL B 50 -5.84 -18.24 -2.28
N LYS B 51 -5.00 -18.00 -3.28
CA LYS B 51 -3.56 -17.90 -3.08
C LYS B 51 -3.07 -16.55 -3.59
N LEU B 52 -2.36 -15.84 -2.73
CA LEU B 52 -1.93 -14.47 -3.03
C LEU B 52 -0.83 -14.45 -4.07
N ASN B 53 -0.92 -13.48 -4.99
CA ASN B 53 0.18 -13.16 -5.90
C ASN B 53 1.18 -12.33 -5.11
N LEU B 54 2.24 -12.98 -4.65
CA LEU B 54 3.19 -12.41 -3.72
C LEU B 54 4.52 -13.12 -3.93
N PRO B 55 5.63 -12.39 -3.96
CA PRO B 55 6.92 -13.03 -4.23
C PRO B 55 7.28 -14.04 -3.17
N ASP B 56 7.98 -15.10 -3.60
CA ASP B 56 8.37 -16.17 -2.67
C ASP B 56 9.30 -15.67 -1.57
N TYR B 57 10.11 -14.64 -1.86
CA TYR B 57 11.07 -14.17 -0.87
C TYR B 57 10.41 -13.40 0.26
N TYR B 58 9.14 -13.01 0.13
CA TYR B 58 8.45 -12.39 1.25
C TYR B 58 8.21 -13.39 2.37
N LYS B 59 8.08 -14.67 2.04
CA LYS B 59 7.95 -15.74 3.03
C LYS B 59 6.69 -15.55 3.88
N ILE B 60 5.63 -15.05 3.25
CA ILE B 60 4.31 -14.99 3.86
C ILE B 60 3.49 -16.17 3.35
N ILE B 61 2.74 -16.81 4.24
CA ILE B 61 1.78 -17.82 3.81
C ILE B 61 0.78 -17.14 2.88
N LYS B 62 0.71 -17.63 1.64
CA LYS B 62 0.01 -16.90 0.58
C LYS B 62 -1.50 -17.06 0.69
N THR B 63 -2.02 -16.90 1.92
CA THR B 63 -3.43 -16.80 2.19
C THR B 63 -3.74 -15.37 2.63
N PRO B 64 -4.82 -14.77 2.13
CA PRO B 64 -5.18 -13.42 2.56
C PRO B 64 -5.39 -13.34 4.06
N MET B 65 -5.22 -12.14 4.60
CA MET B 65 -5.42 -11.92 6.01
C MET B 65 -6.87 -12.20 6.39
N ASP B 66 -7.08 -12.66 7.62
CA ASP B 66 -8.41 -12.92 8.14
C ASP B 66 -8.52 -12.33 9.53
N MET B 67 -9.76 -11.96 9.90
CA MET B 67 -9.98 -11.33 11.20
C MET B 67 -9.58 -12.25 12.35
N GLY B 68 -9.60 -13.56 12.12
CA GLY B 68 -9.12 -14.48 13.15
C GLY B 68 -7.64 -14.29 13.43
N THR B 69 -6.83 -14.09 12.39
CA THR B 69 -5.42 -13.80 12.61
C THR B 69 -5.23 -12.45 13.27
N ILE B 70 -5.99 -11.43 12.85
CA ILE B 70 -5.91 -10.11 13.48
C ILE B 70 -6.30 -10.20 14.95
N LYS B 71 -7.27 -11.08 15.26
CA LYS B 71 -7.67 -11.25 16.66
C LYS B 71 -6.54 -11.86 17.49
N LYS B 72 -5.92 -12.92 16.98
CA LYS B 72 -4.81 -13.55 17.69
C LYS B 72 -3.64 -12.58 17.84
N ARG B 73 -3.40 -11.75 16.82
CA ARG B 73 -2.31 -10.78 16.90
C ARG B 73 -2.57 -9.74 17.98
N LEU B 74 -3.80 -9.21 18.03
CA LEU B 74 -4.14 -8.24 19.06
C LEU B 74 -4.08 -8.87 20.45
N GLU B 75 -4.57 -10.10 20.58
CA GLU B 75 -4.57 -10.76 21.88
C GLU B 75 -3.16 -11.12 22.34
N ASN B 76 -2.25 -11.36 21.41
CA ASN B 76 -0.88 -11.74 21.75
C ASN B 76 0.10 -10.59 21.62
N ASN B 77 -0.38 -9.34 21.61
CA ASN B 77 0.47 -8.15 21.60
C ASN B 77 1.44 -8.15 20.42
N TYR B 78 1.00 -8.67 19.27
CA TYR B 78 1.87 -8.72 18.10
C TYR B 78 2.08 -7.35 17.50
N TYR B 79 1.06 -6.51 17.47
CA TYR B 79 1.14 -5.22 16.83
C TYR B 79 1.93 -4.24 17.69
N TRP B 80 2.66 -3.35 17.01
CA TRP B 80 3.40 -2.28 17.65
C TRP B 80 2.54 -1.06 17.94
N ASN B 81 1.70 -0.65 16.99
CA ASN B 81 0.79 0.47 17.18
C ASN B 81 -0.52 0.17 16.45
N ALA B 82 -1.47 1.10 16.57
CA ALA B 82 -2.79 0.89 15.97
C ALA B 82 -2.73 0.87 14.45
N GLN B 83 -1.80 1.63 13.86
CA GLN B 83 -1.76 1.72 12.40
C GLN B 83 -1.33 0.41 11.76
N GLU B 84 -0.50 -0.38 12.45
CA GLU B 84 -0.11 -1.68 11.92
C GLU B 84 -1.30 -2.63 11.85
N CYS B 85 -2.24 -2.51 12.79
CA CYS B 85 -3.44 -3.33 12.76
C CYS B 85 -4.45 -2.82 11.74
N ILE B 86 -4.55 -1.49 11.61
CA ILE B 86 -5.43 -0.91 10.59
C ILE B 86 -4.97 -1.35 9.20
N GLN B 87 -3.65 -1.40 8.99
CA GLN B 87 -3.11 -1.79 7.69
C GLN B 87 -3.46 -3.23 7.35
N ASP B 88 -3.47 -4.12 8.35
CA ASP B 88 -3.90 -5.49 8.10
C ASP B 88 -5.35 -5.54 7.67
N PHE B 89 -6.21 -4.72 8.28
CA PHE B 89 -7.61 -4.66 7.86
C PHE B 89 -7.73 -4.18 6.42
N ASN B 90 -7.09 -3.05 6.10
CA ASN B 90 -7.13 -2.54 4.74
C ASN B 90 -6.56 -3.54 3.74
N THR B 91 -5.45 -4.19 4.11
CA THR B 91 -4.87 -5.21 3.24
C THR B 91 -5.84 -6.38 3.04
N MET B 92 -6.59 -6.73 4.07
CA MET B 92 -7.59 -7.79 3.95
C MET B 92 -8.72 -7.38 3.02
N PHE B 93 -9.25 -6.17 3.19
CA PHE B 93 -10.35 -5.70 2.34
C PHE B 93 -9.93 -5.60 0.89
N THR B 94 -8.73 -5.04 0.64
CA THR B 94 -8.29 -4.81 -0.73
C THR B 94 -7.93 -6.11 -1.43
N ASN B 95 -7.35 -7.07 -0.70
CA ASN B 95 -7.08 -8.38 -1.28
C ASN B 95 -8.37 -9.06 -1.73
N CYS B 96 -9.47 -8.82 -1.01
CA CYS B 96 -10.76 -9.36 -1.44
C CYS B 96 -11.19 -8.77 -2.77
N TYR B 97 -10.93 -7.48 -2.99
CA TYR B 97 -11.26 -6.85 -4.26
C TYR B 97 -10.36 -7.35 -5.38
N ILE B 98 -9.11 -7.68 -5.05
CA ILE B 98 -8.15 -8.08 -6.07
C ILE B 98 -8.50 -9.45 -6.65
N TYR B 99 -8.66 -10.44 -5.78
CA TYR B 99 -8.89 -11.81 -6.21
C TYR B 99 -10.35 -12.12 -6.44
N ASN B 100 -11.15 -11.10 -6.73
CA ASN B 100 -12.55 -11.24 -7.13
C ASN B 100 -12.85 -10.16 -8.16
N LYS B 101 -14.06 -10.21 -8.71
CA LYS B 101 -14.49 -9.24 -9.71
C LYS B 101 -15.51 -8.28 -9.11
N PRO B 102 -15.59 -7.04 -9.62
CA PRO B 102 -16.56 -6.10 -9.09
C PRO B 102 -17.98 -6.61 -9.25
N GLY B 103 -18.83 -6.29 -8.26
CA GLY B 103 -20.19 -6.76 -8.25
C GLY B 103 -20.38 -8.16 -7.70
N ASP B 104 -19.30 -8.90 -7.47
CA ASP B 104 -19.41 -10.21 -6.86
C ASP B 104 -19.99 -10.08 -5.45
N ASP B 105 -20.57 -11.18 -4.96
CA ASP B 105 -21.20 -11.15 -3.64
C ASP B 105 -20.18 -10.83 -2.55
N ILE B 106 -19.01 -11.48 -2.60
CA ILE B 106 -18.01 -11.27 -1.55
C ILE B 106 -17.47 -9.85 -1.59
N VAL B 107 -17.39 -9.25 -2.78
CA VAL B 107 -16.87 -7.89 -2.89
C VAL B 107 -17.82 -6.91 -2.22
N LEU B 108 -19.12 -7.05 -2.49
CA LEU B 108 -20.10 -6.17 -1.88
C LEU B 108 -20.18 -6.37 -0.36
N MET B 109 -19.99 -7.61 0.10
CA MET B 109 -19.95 -7.85 1.54
C MET B 109 -18.74 -7.17 2.17
N ALA B 110 -17.58 -7.26 1.51
CA ALA B 110 -16.38 -6.62 2.03
C ALA B 110 -16.49 -5.10 1.96
N GLU B 111 -17.15 -4.58 0.91
CA GLU B 111 -17.31 -3.14 0.80
C GLU B 111 -18.12 -2.58 1.96
N ALA B 112 -19.16 -3.30 2.38
CA ALA B 112 -19.95 -2.86 3.53
C ALA B 112 -19.14 -2.92 4.82
N LEU B 113 -18.34 -3.97 4.99
CA LEU B 113 -17.50 -4.08 6.18
C LEU B 113 -16.44 -2.99 6.21
N GLU B 114 -15.86 -2.66 5.06
CA GLU B 114 -14.85 -1.61 5.01
C GLU B 114 -15.47 -0.26 5.36
N LYS B 115 -16.68 0.00 4.86
CA LYS B 115 -17.39 1.22 5.24
C LYS B 115 -17.63 1.27 6.75
N LEU B 116 -18.07 0.16 7.34
CA LEU B 116 -18.26 0.11 8.78
C LEU B 116 -16.94 0.20 9.51
N PHE B 117 -15.88 -0.38 8.94
CA PHE B 117 -14.58 -0.33 9.59
C PHE B 117 -14.03 1.08 9.63
N LEU B 118 -14.01 1.76 8.48
CA LEU B 118 -13.54 3.14 8.43
C LEU B 118 -14.37 4.06 9.32
N GLN B 119 -15.67 3.78 9.44
CA GLN B 119 -16.53 4.62 10.27
C GLN B 119 -16.21 4.44 11.75
N LYS B 120 -15.84 3.22 12.16
CA LYS B 120 -15.55 2.98 13.57
C LYS B 120 -14.19 3.54 13.96
N ILE B 121 -13.21 3.49 13.06
CA ILE B 121 -11.85 3.92 13.39
C ILE B 121 -11.62 5.40 13.18
N ASN B 122 -12.56 6.11 12.53
CA ASN B 122 -12.40 7.55 12.40
C ASN B 122 -12.48 8.26 13.74
N GLU B 123 -13.12 7.64 14.74
CA GLU B 123 -13.13 8.16 16.11
C GLU B 123 -11.96 7.57 16.88
N LEU B 124 -10.76 7.97 16.47
CA LEU B 124 -9.53 7.46 17.07
C LEU B 124 -8.36 8.41 16.82
N VAL C 3 -2.27 -5.85 -14.95
CA VAL C 3 -1.89 -6.79 -15.98
C VAL C 3 -0.37 -7.02 -15.81
OH ALY C 4 2.86 1.33 -12.97
CH ALY C 4 3.03 0.12 -12.71
CH3 ALY C 4 3.81 -0.31 -11.50
NZ ALY C 4 2.51 -0.87 -13.53
CE ALY C 4 2.67 -2.28 -13.31
CD ALY C 4 2.29 -3.15 -14.51
CG ALY C 4 1.61 -4.42 -14.01
CB ALY C 4 2.36 -5.63 -14.52
CA ALY C 4 1.55 -6.92 -14.32
N ALY C 4 0.13 -6.76 -14.60
C ALY C 4 1.87 -7.38 -12.90
O ALY C 4 2.57 -6.74 -12.10
N ASN C 5 1.37 -8.57 -12.57
CA ASN C 5 1.67 -9.20 -11.29
C ASN C 5 2.22 -10.60 -11.48
#